data_9IWF
#
_entry.id   9IWF
#
_cell.length_a   26.585
_cell.length_b   115.752
_cell.length_c   126.759
_cell.angle_alpha   90.00
_cell.angle_beta   90.00
_cell.angle_gamma   90.00
#
_symmetry.space_group_name_H-M   'P 21 21 21'
#
loop_
_entity.id
_entity.type
_entity.pdbx_description
1 polymer 'P. beijingensis xanthine-II riboswitch (70-MER)'
2 non-polymer "GUANOSINE-5'-TRIPHOSPHATE"
3 non-polymer 'MAGNESIUM ION'
4 non-polymer XANTHINE
5 water water
#
_entity_poly.entity_id   1
_entity_poly.type   'polyribonucleotide'
_entity_poly.pdbx_seq_one_letter_code
;GGUGUAUAAGCUCAUUAAUACGGUUUGAGCGUUUCGACCAGGCAACCCUAAAUUGCCCCAGGCUACAUC
;
_entity_poly.pdbx_strand_id   A,B
#
loop_
_chem_comp.id
_chem_comp.type
_chem_comp.name
_chem_comp.formula
A RNA linking ADENOSINE-5'-MONOPHOSPHATE 'C10 H14 N5 O7 P'
C RNA linking CYTIDINE-5'-MONOPHOSPHATE 'C9 H14 N3 O8 P'
G RNA linking GUANOSINE-5'-MONOPHOSPHATE 'C10 H14 N5 O8 P'
GTP non-polymer GUANOSINE-5'-TRIPHOSPHATE 'C10 H16 N5 O14 P3'
MG non-polymer 'MAGNESIUM ION' 'Mg 2'
U RNA linking URIDINE-5'-MONOPHOSPHATE 'C9 H13 N2 O9 P'
XAN non-polymer XANTHINE 'C5 H4 N4 O2'
#
# COMPACT_ATOMS: atom_id res chain seq x y z
PG GTP C . 4.87 -2.54 1.64
O1G GTP C . 4.82 -2.79 0.15
O2G GTP C . 5.09 -1.06 1.89
O3G GTP C . 5.97 -3.36 2.31
O3B GTP C . 3.45 -3.04 2.24
PB GTP C . 2.99 -2.62 3.73
O1B GTP C . 2.51 -3.82 4.52
O2B GTP C . 4.07 -1.84 4.46
O3A GTP C . 1.73 -1.67 3.38
PA GTP C . 1.15 -0.81 4.60
O1A GTP C . 1.56 -1.51 5.87
O2A GTP C . 1.64 0.63 4.51
O5' GTP C . -0.45 -0.94 4.44
C5' GTP C . -0.97 -2.22 4.72
C4' GTP C . -1.77 -2.16 6.00
O4' GTP C . -2.72 -1.11 5.92
C3' GTP C . -2.64 -3.39 6.17
O3' GTP C . -1.96 -4.51 6.69
C2' GTP C . -3.82 -2.91 7.00
O2' GTP C . -3.56 -2.94 8.38
C1' GTP C . -3.96 -1.48 6.51
N9 GTP C . -4.92 -1.57 5.41
C8 GTP C . -4.67 -1.20 4.10
N7 GTP C . -5.80 -1.44 3.39
C5 GTP C . -6.75 -1.93 4.21
C6 GTP C . -8.07 -2.33 3.99
O6 GTP C . -8.57 -2.27 2.87
N1 GTP C . -8.83 -2.81 5.04
C2 GTP C . -8.29 -2.90 6.31
N2 GTP C . -9.06 -3.37 7.30
N3 GTP C . -6.98 -2.51 6.53
C4 GTP C . -6.22 -2.03 5.49
MG MG D . 3.89 -4.03 8.10
MG MG E . -5.24 -12.61 3.68
MG MG F . 3.59 -20.98 2.77
MG MG G . 22.72 -16.73 2.38
MG MG H . 3.42 -31.64 13.47
MG MG I . -7.43 -1.16 -9.81
MG MG J . 6.99 -19.13 3.04
MG MG K . 14.55 -9.09 -7.11
N9 XAN L . 12.64 -15.54 1.55
C4 XAN L . 11.77 -15.22 2.56
N3 XAN L . 11.85 -14.38 3.64
C2 XAN L . 10.79 -14.25 4.49
O2 XAN L . 10.85 -13.48 5.45
N1 XAN L . 9.66 -15.00 4.26
C6 XAN L . 9.50 -15.90 3.20
O6 XAN L . 8.44 -16.53 3.09
C5 XAN L . 10.62 -15.98 2.33
N7 XAN L . 10.81 -16.75 1.19
C8 XAN L . 12.02 -16.44 0.77
PG GTP M . 2.53 0.00 -4.66
O1G GTP M . 2.43 -0.66 -3.29
O2G GTP M . 3.89 -0.33 -5.26
O3G GTP M . 1.40 -0.46 -5.54
O3B GTP M . 2.40 1.61 -4.51
PB GTP M . 1.23 2.37 -5.32
O1B GTP M . 1.32 3.85 -4.96
O2B GTP M . 1.27 2.17 -6.82
O3A GTP M . -0.09 1.71 -4.72
PA GTP M . -1.45 2.48 -5.02
O1A GTP M . -2.19 2.70 -3.71
O2A GTP M . -1.21 3.77 -5.77
O5' GTP M . -2.22 1.41 -5.93
C5' GTP M . -3.39 1.79 -6.61
C4' GTP M . -4.63 1.04 -6.10
O4' GTP M . -4.38 -0.26 -5.59
C3' GTP M . -5.27 1.78 -4.96
O3' GTP M . -5.93 2.93 -5.45
C2' GTP M . -6.19 0.70 -4.45
O2' GTP M . -7.31 0.57 -5.30
C1' GTP M . -5.32 -0.55 -4.56
N9 GTP M . -4.62 -0.61 -3.26
C8 GTP M . -3.25 -0.48 -3.07
N7 GTP M . -2.97 -0.58 -1.74
C5 GTP M . -4.14 -0.78 -1.08
C6 GTP M . -4.42 -0.93 0.26
O6 GTP M . -3.50 -0.90 1.09
N1 GTP M . -5.74 -1.12 0.65
C2 GTP M . -6.75 -1.13 -0.29
N2 GTP M . -8.02 -1.31 0.07
N3 GTP M . -6.46 -0.97 -1.63
C4 GTP M . -5.17 -0.79 -2.02
MG MG N . 0.37 0.79 0.00
MG MG O . -5.46 20.81 -1.14
MG MG P . 11.59 23.81 -6.81
MG MG Q . -9.62 27.37 -1.92
MG MG R . -4.07 -0.13 12.77
MG MG S . -14.81 29.27 -10.82
MG MG T . -21.55 33.68 -15.40
N9 XAN U . 4.81 19.11 -4.47
C4 XAN U . 3.78 18.46 -5.11
N3 XAN U . 3.74 17.73 -6.25
C2 XAN U . 2.55 17.18 -6.66
O2 XAN U . 2.52 16.50 -7.68
N1 XAN U . 1.42 17.39 -5.91
C6 XAN U . 1.38 18.15 -4.74
O6 XAN U . 0.31 18.29 -4.15
C5 XAN U . 2.65 18.68 -4.35
N7 XAN U . 2.98 19.48 -3.25
C8 XAN U . 4.27 19.69 -3.37
#